data_7KGW
#
_entry.id   7KGW
#
_cell.length_a   60.712
_cell.length_b   60.712
_cell.length_c   146.205
_cell.angle_alpha   90.000
_cell.angle_beta   90.000
_cell.angle_gamma   120.000
#
_symmetry.space_group_name_H-M   'P 32 2 1'
#
loop_
_entity.id
_entity.type
_entity.pdbx_description
1 polymer '2-aminobenzoylacetyl-CoA thioesterase'
2 non-polymer 'FE (III) ION'
3 non-polymer N-[3-(1H-pyrazol-3-yl)phenyl]-1H-indazole-7-carboxamide
4 water water
#
_entity_poly.entity_id   1
_entity_poly.type   'polypeptide(L)'
_entity_poly.pdbx_seq_one_letter_code
;GSHMLRLSAPGQLDDDLCLLGDVQVPVFLLRLGEASWALVEGGISRDAELVWADLCRWVADPSQVHYWLITHKHYDHCGL
LPYLCPRLPNVQVLASERTCQAWKSESAVRVVERLNRQLLRAEQRLPEACAWDALPVRAVADGEWLELGPRHRLQVIEAH
GHSDDHVVFYDVRRRRLFCGDALGEFDEAEGVWRPLVFDDMEAYLESLERLQRLPTLLQLIPGHGGLLRGRLAADGAESA
YTECLRLCRRLLWRQSMGESLDELSEELHRAWGGQSVDFLPGELHLGSMRRMLEILSRQALPLD
;
_entity_poly.pdbx_strand_id   A
#
# COMPACT_ATOMS: atom_id res chain seq x y z
N SER A 2 17.63 -14.35 1.28
CA SER A 2 16.44 -13.74 1.88
C SER A 2 16.35 -14.07 3.38
N HIS A 3 15.39 -13.46 4.06
CA HIS A 3 15.27 -13.54 5.52
C HIS A 3 14.04 -14.35 5.89
N MET A 4 14.21 -15.31 6.81
CA MET A 4 13.10 -16.18 7.22
C MET A 4 11.91 -15.41 7.75
N LEU A 5 12.09 -14.19 8.26
CA LEU A 5 10.98 -13.38 8.77
C LEU A 5 10.29 -12.56 7.71
N ARG A 6 10.69 -12.68 6.45
CA ARG A 6 10.09 -11.91 5.38
C ARG A 6 9.88 -12.83 4.18
N LEU A 7 8.62 -13.03 3.78
CA LEU A 7 8.29 -13.80 2.59
C LEU A 7 8.19 -12.83 1.41
N SER A 8 9.08 -12.95 0.45
CA SER A 8 9.14 -11.96 -0.61
C SER A 8 9.32 -12.62 -1.96
N ALA A 9 8.63 -13.73 -2.18
CA ALA A 9 8.60 -14.37 -3.48
C ALA A 9 7.17 -14.42 -3.98
N PRO A 10 6.94 -14.30 -5.28
CA PRO A 10 5.58 -14.48 -5.79
C PRO A 10 5.09 -15.90 -5.51
N GLY A 11 3.77 -16.04 -5.46
CA GLY A 11 3.18 -17.35 -5.29
C GLY A 11 2.57 -17.51 -3.92
N GLN A 12 2.47 -18.76 -3.48
CA GLN A 12 1.75 -19.04 -2.24
C GLN A 12 2.52 -18.57 -1.03
N LEU A 13 1.86 -17.80 -0.16
CA LEU A 13 2.41 -17.31 1.11
C LEU A 13 1.85 -18.03 2.33
N ASP A 14 0.61 -18.50 2.26
CA ASP A 14 -0.06 -19.18 3.37
C ASP A 14 -1.14 -20.02 2.71
N ASP A 15 -1.82 -20.84 3.52
CA ASP A 15 -2.84 -21.74 2.98
C ASP A 15 -3.86 -20.99 2.14
N ASP A 16 -4.20 -19.76 2.53
CA ASP A 16 -5.28 -19.01 1.89
C ASP A 16 -4.79 -17.82 1.08
N LEU A 17 -3.48 -17.65 0.93
CA LEU A 17 -2.94 -16.35 0.55
C LEU A 17 -1.84 -16.51 -0.47
N CYS A 18 -1.94 -15.80 -1.60
CA CYS A 18 -0.90 -15.79 -2.61
C CYS A 18 -0.46 -14.37 -2.90
N LEU A 19 0.78 -14.22 -3.36
CA LEU A 19 1.26 -12.94 -3.85
C LEU A 19 1.27 -12.98 -5.36
N LEU A 20 0.58 -12.01 -5.99
CA LEU A 20 0.55 -11.89 -7.45
C LEU A 20 1.41 -10.73 -7.90
N GLY A 21 2.04 -10.89 -9.04
CA GLY A 21 2.83 -9.82 -9.62
C GLY A 21 4.16 -9.61 -8.94
N ASP A 22 4.59 -8.36 -8.97
CA ASP A 22 5.90 -7.97 -8.48
C ASP A 22 5.85 -7.74 -6.98
N VAL A 23 6.79 -8.33 -6.25
CA VAL A 23 6.80 -8.19 -4.79
C VAL A 23 6.90 -6.73 -4.38
N GLN A 24 7.50 -5.90 -5.22
CA GLN A 24 7.62 -4.50 -4.83
C GLN A 24 6.30 -3.73 -4.97
N VAL A 25 5.38 -4.16 -5.83
CA VAL A 25 4.04 -3.56 -5.85
C VAL A 25 3.02 -4.69 -5.96
N PRO A 26 2.83 -5.45 -4.89
CA PRO A 26 2.13 -6.73 -4.99
C PRO A 26 0.61 -6.58 -4.94
N VAL A 27 -0.06 -7.56 -5.54
CA VAL A 27 -1.50 -7.76 -5.33
C VAL A 27 -1.67 -9.08 -4.60
N PHE A 28 -2.39 -9.04 -3.49
CA PHE A 28 -2.61 -10.26 -2.70
C PHE A 28 -3.93 -10.93 -3.07
N LEU A 29 -3.89 -12.23 -3.15
CA LEU A 29 -5.03 -13.05 -3.53
C LEU A 29 -5.43 -13.89 -2.33
N LEU A 30 -6.65 -13.67 -1.82
CA LEU A 30 -7.24 -14.47 -0.74
C LEU A 30 -8.19 -15.51 -1.29
N ARG A 31 -8.04 -16.76 -0.87
CA ARG A 31 -9.00 -17.80 -1.20
C ARG A 31 -10.07 -17.83 -0.11
N LEU A 32 -11.30 -17.41 -0.46
CA LEU A 32 -12.40 -17.34 0.49
C LEU A 32 -13.19 -18.64 0.62
N GLY A 33 -13.12 -19.50 -0.39
CA GLY A 33 -13.89 -20.72 -0.38
C GLY A 33 -13.58 -21.50 -1.63
N GLU A 34 -14.32 -22.58 -1.85
CA GLU A 34 -14.04 -23.37 -3.04
C GLU A 34 -14.29 -22.59 -4.32
N ALA A 35 -15.18 -21.60 -4.29
CA ALA A 35 -15.52 -20.84 -5.50
C ALA A 35 -15.63 -19.35 -5.21
N SER A 36 -14.69 -18.80 -4.45
CA SER A 36 -14.77 -17.40 -4.05
C SER A 36 -13.39 -16.89 -3.67
N TRP A 37 -13.03 -15.71 -4.17
CA TRP A 37 -11.71 -15.14 -3.96
C TRP A 37 -11.82 -13.64 -3.74
N ALA A 38 -10.79 -13.07 -3.11
CA ALA A 38 -10.66 -11.62 -2.97
C ALA A 38 -9.26 -11.18 -3.35
N LEU A 39 -9.15 -9.93 -3.79
CA LEU A 39 -7.88 -9.27 -4.00
C LEU A 39 -7.67 -8.19 -2.95
N VAL A 40 -6.40 -7.93 -2.61
CA VAL A 40 -6.04 -6.87 -1.68
C VAL A 40 -4.84 -6.11 -2.25
N GLU A 41 -4.96 -4.77 -2.32
CA GLU A 41 -4.05 -3.80 -2.92
C GLU A 41 -4.27 -3.73 -4.43
N GLY A 42 -4.17 -2.53 -5.00
CA GLY A 42 -4.55 -2.30 -6.38
C GLY A 42 -3.44 -2.00 -7.37
N GLY A 43 -2.17 -2.08 -6.96
CA GLY A 43 -0.97 -2.05 -7.81
C GLY A 43 -0.79 -0.86 -8.74
N ILE A 44 0.06 -1.07 -9.76
CA ILE A 44 0.30 -0.07 -10.81
C ILE A 44 -0.26 -0.59 -12.12
N SER A 45 -0.71 0.33 -12.98
CA SER A 45 -1.43 -0.03 -14.20
C SER A 45 -0.59 -0.91 -15.12
N ARG A 46 0.70 -0.58 -15.29
CA ARG A 46 1.51 -1.31 -16.26
C ARG A 46 1.65 -2.80 -15.92
N ASP A 47 1.30 -3.20 -14.69
CA ASP A 47 1.39 -4.60 -14.27
C ASP A 47 0.13 -5.38 -14.59
N ALA A 48 -0.80 -4.81 -15.37
CA ALA A 48 -2.09 -5.45 -15.58
C ALA A 48 -1.94 -6.87 -16.13
N GLU A 49 -1.16 -7.05 -17.19
CA GLU A 49 -1.09 -8.38 -17.80
C GLU A 49 -0.28 -9.35 -16.96
N LEU A 50 0.70 -8.85 -16.21
CA LEU A 50 1.44 -9.74 -15.32
C LEU A 50 0.54 -10.24 -14.19
N VAL A 51 -0.15 -9.33 -13.52
CA VAL A 51 -1.03 -9.72 -12.42
C VAL A 51 -2.14 -10.63 -12.93
N TRP A 52 -2.68 -10.32 -14.11
CA TRP A 52 -3.71 -11.16 -14.72
C TRP A 52 -3.19 -12.57 -14.98
N ALA A 53 -2.03 -12.69 -15.63
CA ALA A 53 -1.47 -14.02 -15.87
C ALA A 53 -1.32 -14.77 -14.57
N ASP A 54 -0.78 -14.11 -13.53
CA ASP A 54 -0.59 -14.79 -12.26
C ASP A 54 -1.93 -15.23 -11.68
N LEU A 55 -2.90 -14.32 -11.71
CA LEU A 55 -4.23 -14.61 -11.16
C LEU A 55 -4.82 -15.86 -11.78
N CYS A 56 -4.74 -15.96 -13.11
CA CYS A 56 -5.37 -17.07 -13.81
C CYS A 56 -4.69 -18.41 -13.55
N ARG A 57 -3.51 -18.41 -12.95
CA ARG A 57 -2.91 -19.68 -12.57
C ARG A 57 -3.53 -20.27 -11.32
N TRP A 58 -4.14 -19.42 -10.50
CA TRP A 58 -4.78 -19.85 -9.27
C TRP A 58 -6.30 -19.90 -9.40
N VAL A 59 -6.88 -19.01 -10.21
CA VAL A 59 -8.33 -18.83 -10.32
C VAL A 59 -8.73 -19.27 -11.72
N ALA A 60 -9.38 -20.42 -11.84
CA ALA A 60 -9.75 -20.91 -13.17
C ALA A 60 -10.95 -20.15 -13.73
N ASP A 61 -11.81 -19.61 -12.88
CA ASP A 61 -12.96 -18.83 -13.33
C ASP A 61 -12.92 -17.47 -12.66
N PRO A 62 -12.45 -16.43 -13.36
CA PRO A 62 -12.30 -15.10 -12.74
C PRO A 62 -13.61 -14.43 -12.34
N SER A 63 -14.77 -14.95 -12.73
CA SER A 63 -16.02 -14.44 -12.15
C SER A 63 -16.15 -14.82 -10.69
N GLN A 64 -15.25 -15.66 -10.16
CA GLN A 64 -15.23 -16.03 -8.75
C GLN A 64 -14.46 -15.04 -7.87
N VAL A 65 -13.84 -14.03 -8.47
CA VAL A 65 -13.19 -12.95 -7.72
C VAL A 65 -14.29 -11.97 -7.34
N HIS A 66 -14.62 -11.89 -6.05
CA HIS A 66 -15.78 -11.16 -5.61
C HIS A 66 -15.48 -9.84 -4.92
N TYR A 67 -14.29 -9.67 -4.36
CA TYR A 67 -13.96 -8.46 -3.62
C TYR A 67 -12.57 -7.99 -3.99
N TRP A 68 -12.36 -6.69 -3.91
CA TRP A 68 -11.04 -6.10 -4.16
C TRP A 68 -10.85 -4.96 -3.17
N LEU A 69 -9.96 -5.15 -2.19
CA LEU A 69 -9.82 -4.23 -1.08
C LEU A 69 -8.68 -3.26 -1.35
N ILE A 70 -8.92 -1.99 -1.10
CA ILE A 70 -7.99 -0.92 -1.47
C ILE A 70 -7.63 -0.12 -0.22
N THR A 71 -6.32 0.04 0.04
CA THR A 71 -5.91 0.77 1.23
C THR A 71 -5.94 2.29 1.03
N HIS A 72 -5.53 2.81 -0.13
CA HIS A 72 -5.54 4.25 -0.32
C HIS A 72 -5.42 4.60 -1.80
N LYS A 73 -5.58 5.90 -2.08
CA LYS A 73 -5.76 6.43 -3.43
C LYS A 73 -4.47 6.64 -4.20
N HIS A 74 -3.30 6.35 -3.63
CA HIS A 74 -2.08 6.66 -4.36
C HIS A 74 -1.98 5.81 -5.62
N TYR A 75 -1.28 6.35 -6.62
CA TYR A 75 -1.29 5.77 -7.96
C TYR A 75 -0.80 4.33 -7.96
N ASP A 76 0.07 3.96 -7.02
CA ASP A 76 0.65 2.63 -6.96
C ASP A 76 -0.19 1.67 -6.13
N HIS A 77 -1.37 2.09 -5.71
CA HIS A 77 -2.25 1.23 -4.92
C HIS A 77 -3.64 1.11 -5.52
N CYS A 78 -3.85 1.66 -6.70
CA CYS A 78 -5.14 1.52 -7.35
C CYS A 78 -5.01 1.55 -8.87
N GLY A 79 -3.80 1.49 -9.43
CA GLY A 79 -3.61 1.65 -10.87
C GLY A 79 -4.20 0.52 -11.69
N LEU A 80 -4.36 -0.66 -11.10
CA LEU A 80 -4.87 -1.81 -11.86
C LEU A 80 -6.37 -1.76 -12.05
N LEU A 81 -7.10 -1.05 -11.19
CA LEU A 81 -8.55 -1.19 -11.14
C LEU A 81 -9.24 -0.99 -12.50
N PRO A 82 -8.98 0.09 -13.25
CA PRO A 82 -9.71 0.29 -14.51
C PRO A 82 -9.39 -0.74 -15.56
N TYR A 83 -8.26 -1.44 -15.42
CA TYR A 83 -7.78 -2.35 -16.44
C TYR A 83 -8.16 -3.79 -16.16
N LEU A 84 -8.29 -4.17 -14.89
CA LEU A 84 -8.63 -5.53 -14.54
C LEU A 84 -10.07 -5.71 -14.08
N CYS A 85 -10.72 -4.65 -13.60
CA CYS A 85 -12.13 -4.79 -13.21
C CYS A 85 -13.02 -5.22 -14.36
N PRO A 86 -12.84 -4.75 -15.60
CA PRO A 86 -13.65 -5.28 -16.70
C PRO A 86 -13.51 -6.79 -16.87
N ARG A 87 -12.37 -7.36 -16.47
CA ARG A 87 -12.14 -8.79 -16.58
C ARG A 87 -12.66 -9.57 -15.39
N LEU A 88 -13.23 -8.88 -14.40
CA LEU A 88 -13.69 -9.47 -13.15
C LEU A 88 -15.15 -9.07 -12.96
N PRO A 89 -16.07 -9.74 -13.68
CA PRO A 89 -17.45 -9.23 -13.76
C PRO A 89 -18.20 -9.18 -12.44
N ASN A 90 -17.81 -9.98 -11.44
CA ASN A 90 -18.52 -10.02 -10.17
C ASN A 90 -17.80 -9.26 -9.06
N VAL A 91 -16.72 -8.54 -9.35
CA VAL A 91 -15.92 -7.99 -8.26
C VAL A 91 -16.59 -6.73 -7.71
N GLN A 92 -16.43 -6.52 -6.41
CA GLN A 92 -16.81 -5.28 -5.74
C GLN A 92 -15.56 -4.66 -5.14
N VAL A 93 -15.24 -3.43 -5.55
CA VAL A 93 -14.11 -2.70 -4.99
C VAL A 93 -14.55 -2.12 -3.65
N LEU A 94 -13.82 -2.46 -2.59
CA LEU A 94 -14.09 -1.96 -1.24
C LEU A 94 -13.04 -0.92 -0.89
N ALA A 95 -13.48 0.32 -0.69
CA ALA A 95 -12.53 1.39 -0.40
C ALA A 95 -13.19 2.39 0.53
N SER A 96 -12.36 3.20 1.19
CA SER A 96 -12.88 4.20 2.10
C SER A 96 -13.64 5.27 1.33
N GLU A 97 -14.46 6.03 2.06
CA GLU A 97 -15.22 7.13 1.47
C GLU A 97 -14.30 8.09 0.74
N ARG A 98 -13.21 8.50 1.38
CA ARG A 98 -12.33 9.49 0.75
C ARG A 98 -11.58 8.89 -0.43
N THR A 99 -11.26 7.60 -0.38
CA THR A 99 -10.62 6.95 -1.52
C THR A 99 -11.55 6.95 -2.72
N CYS A 100 -12.83 6.63 -2.49
CA CYS A 100 -13.81 6.65 -3.57
C CYS A 100 -13.95 8.04 -4.16
N GLN A 101 -13.91 9.09 -3.32
CA GLN A 101 -14.01 10.46 -3.83
C GLN A 101 -12.88 10.77 -4.80
N ALA A 102 -11.67 10.28 -4.51
CA ALA A 102 -10.54 10.53 -5.39
C ALA A 102 -10.82 10.06 -6.80
N TRP A 103 -11.54 8.95 -6.94
CA TRP A 103 -11.84 8.39 -8.24
C TRP A 103 -12.92 9.16 -8.98
N LYS A 104 -13.62 10.06 -8.30
CA LYS A 104 -14.56 10.99 -8.94
C LYS A 104 -13.95 12.36 -9.16
N SER A 105 -12.72 12.61 -8.73
CA SER A 105 -12.09 13.91 -8.92
C SER A 105 -11.30 13.87 -10.23
N GLU A 106 -11.67 14.73 -11.17
CA GLU A 106 -10.98 14.74 -12.45
C GLU A 106 -9.49 15.03 -12.28
N SER A 107 -9.15 15.99 -11.42
CA SER A 107 -7.74 16.32 -11.20
C SER A 107 -7.00 15.15 -10.56
N ALA A 108 -7.61 14.49 -9.57
CA ALA A 108 -6.93 13.39 -8.90
C ALA A 108 -6.68 12.23 -9.85
N VAL A 109 -7.69 11.86 -10.65
CA VAL A 109 -7.52 10.78 -11.62
C VAL A 109 -6.39 11.11 -12.59
N ARG A 110 -6.30 12.38 -13.00
CA ARG A 110 -5.26 12.83 -13.92
C ARG A 110 -3.87 12.52 -13.37
N VAL A 111 -3.65 12.82 -12.09
CA VAL A 111 -2.36 12.54 -11.46
C VAL A 111 -2.07 11.05 -11.45
N VAL A 112 -3.06 10.24 -11.04
CA VAL A 112 -2.87 8.80 -10.99
C VAL A 112 -2.52 8.26 -12.37
N GLU A 113 -3.23 8.72 -13.40
CA GLU A 113 -2.96 8.22 -14.74
C GLU A 113 -1.59 8.64 -15.25
N ARG A 114 -1.21 9.91 -15.01
CA ARG A 114 0.08 10.39 -15.49
C ARG A 114 1.23 9.61 -14.86
N LEU A 115 1.20 9.45 -13.54
CA LEU A 115 2.27 8.73 -12.86
C LEU A 115 2.35 7.27 -13.32
N ASN A 116 1.19 6.64 -13.53
CA ASN A 116 1.21 5.27 -14.02
C ASN A 116 1.70 5.20 -15.46
N ARG A 117 1.30 6.17 -16.29
CA ARG A 117 1.75 6.17 -17.68
C ARG A 117 3.27 6.28 -17.76
N GLN A 118 3.91 6.94 -16.79
CA GLN A 118 5.37 7.07 -16.80
C GLN A 118 6.09 5.75 -16.58
N LEU A 119 5.39 4.71 -16.14
CA LEU A 119 5.98 3.41 -15.89
C LEU A 119 5.77 2.42 -17.03
N LEU A 120 5.07 2.84 -18.08
CA LEU A 120 4.89 1.96 -19.23
C LEU A 120 6.20 1.80 -19.98
N ARG A 121 6.60 0.56 -20.21
CA ARG A 121 7.66 0.32 -21.18
C ARG A 121 7.14 0.64 -22.58
N ALA A 122 8.02 1.15 -23.43
CA ALA A 122 7.59 1.64 -24.75
C ALA A 122 6.82 0.59 -25.53
N GLU A 123 7.08 -0.70 -25.27
CA GLU A 123 6.44 -1.77 -26.03
C GLU A 123 4.94 -1.88 -25.74
N GLN A 124 4.55 -1.74 -24.47
CA GLN A 124 3.25 -2.25 -24.03
C GLN A 124 2.12 -1.24 -24.18
N ARG A 125 0.96 -1.76 -24.55
CA ARG A 125 -0.30 -1.02 -24.48
C ARG A 125 -1.18 -1.61 -23.39
N LEU A 126 -1.91 -0.75 -22.71
CA LEU A 126 -2.77 -1.17 -21.62
C LEU A 126 -4.08 -1.74 -22.16
N PRO A 127 -4.75 -2.60 -21.39
CA PRO A 127 -6.04 -3.12 -21.82
C PRO A 127 -7.08 -2.02 -21.90
N GLU A 128 -8.25 -2.37 -22.40
CA GLU A 128 -9.35 -1.41 -22.46
C GLU A 128 -9.89 -1.19 -21.05
N ALA A 129 -9.98 0.07 -20.65
CA ALA A 129 -10.31 0.45 -19.30
C ALA A 129 -11.76 0.90 -19.19
N CYS A 130 -12.36 0.65 -18.03
CA CYS A 130 -13.60 1.33 -17.72
C CYS A 130 -13.28 2.65 -17.03
N ALA A 131 -14.25 3.57 -17.05
CA ALA A 131 -14.03 4.88 -16.48
C ALA A 131 -13.79 4.78 -14.98
N TRP A 132 -12.94 5.67 -14.46
CA TRP A 132 -12.64 5.68 -13.04
C TRP A 132 -13.88 5.91 -12.21
N ASP A 133 -14.80 6.75 -12.68
CA ASP A 133 -16.04 6.97 -11.96
C ASP A 133 -17.08 5.89 -12.23
N ALA A 134 -16.72 4.83 -12.95
CA ALA A 134 -17.62 3.71 -13.23
C ALA A 134 -17.16 2.43 -12.56
N LEU A 135 -16.16 2.51 -11.68
CA LEU A 135 -15.68 1.32 -11.01
C LEU A 135 -16.76 0.76 -10.07
N PRO A 136 -16.87 -0.56 -9.95
CA PRO A 136 -17.91 -1.16 -9.08
C PRO A 136 -17.52 -1.09 -7.61
N VAL A 137 -17.63 0.10 -7.02
CA VAL A 137 -17.11 0.37 -5.68
C VAL A 137 -18.23 0.31 -4.66
N ARG A 138 -17.87 -0.09 -3.44
CA ARG A 138 -18.73 0.06 -2.27
C ARG A 138 -17.90 0.72 -1.20
N ALA A 139 -18.32 1.90 -0.74
CA ALA A 139 -17.56 2.61 0.27
C ALA A 139 -17.67 1.89 1.61
N VAL A 140 -16.53 1.73 2.29
CA VAL A 140 -16.52 1.10 3.60
C VAL A 140 -16.12 2.14 4.63
N ALA A 141 -16.59 1.96 5.86
CA ALA A 141 -16.42 2.91 6.93
C ALA A 141 -15.42 2.40 7.97
N ASP A 142 -14.87 3.34 8.74
CA ASP A 142 -14.00 3.00 9.87
C ASP A 142 -14.70 2.04 10.82
N GLY A 143 -14.06 0.92 11.12
CA GLY A 143 -14.60 -0.06 12.05
C GLY A 143 -15.55 -1.07 11.45
N GLU A 144 -15.89 -0.93 10.17
CA GLU A 144 -16.83 -1.87 9.54
C GLU A 144 -16.19 -3.24 9.43
N TRP A 145 -16.99 -4.29 9.68
CA TRP A 145 -16.53 -5.65 9.45
C TRP A 145 -16.85 -6.07 8.02
N LEU A 146 -15.85 -6.57 7.32
CA LEU A 146 -16.03 -7.06 5.96
C LEU A 146 -16.15 -8.58 6.02
N GLU A 147 -17.38 -9.07 5.90
CA GLU A 147 -17.67 -10.50 5.93
C GLU A 147 -17.44 -11.06 4.53
N LEU A 148 -16.17 -11.35 4.25
CA LEU A 148 -15.76 -11.77 2.91
C LEU A 148 -16.10 -13.24 2.65
N GLY A 149 -15.93 -14.11 3.65
CA GLY A 149 -16.31 -15.49 3.52
C GLY A 149 -16.41 -16.18 4.88
N PRO A 150 -16.70 -17.48 4.89
CA PRO A 150 -16.92 -18.19 6.16
C PRO A 150 -15.71 -18.22 7.07
N ARG A 151 -14.50 -18.09 6.53
CA ARG A 151 -13.29 -18.04 7.37
C ARG A 151 -12.51 -16.75 7.16
N HIS A 152 -13.13 -15.72 6.59
CA HIS A 152 -12.44 -14.47 6.30
C HIS A 152 -13.31 -13.30 6.72
N ARG A 153 -12.92 -12.67 7.81
CA ARG A 153 -13.65 -11.58 8.43
C ARG A 153 -12.62 -10.51 8.74
N LEU A 154 -12.62 -9.41 7.97
CA LEU A 154 -11.60 -8.36 8.12
C LEU A 154 -12.24 -7.05 8.54
N GLN A 155 -11.61 -6.37 9.49
CA GLN A 155 -12.12 -5.11 9.98
C GLN A 155 -11.39 -3.95 9.31
N VAL A 156 -12.17 -2.95 8.88
CA VAL A 156 -11.61 -1.72 8.33
C VAL A 156 -11.17 -0.83 9.47
N ILE A 157 -9.92 -0.35 9.42
CA ILE A 157 -9.41 0.56 10.45
C ILE A 157 -8.84 1.80 9.77
N GLU A 158 -9.37 2.96 10.13
CA GLU A 158 -8.85 4.21 9.58
C GLU A 158 -7.42 4.44 10.05
N ALA A 159 -6.55 4.79 9.11
CA ALA A 159 -5.14 4.95 9.40
C ALA A 159 -4.57 6.11 8.58
N HIS A 160 -5.13 7.30 8.79
CA HIS A 160 -4.75 8.50 8.05
C HIS A 160 -3.34 8.97 8.45
N GLY A 161 -2.74 9.79 7.58
CA GLY A 161 -1.44 10.35 7.90
C GLY A 161 -0.41 10.13 6.81
N HIS A 162 -0.26 8.90 6.34
CA HIS A 162 0.46 8.67 5.09
C HIS A 162 -0.24 9.44 3.97
N SER A 163 -1.57 9.30 3.91
CA SER A 163 -2.46 10.04 3.04
C SER A 163 -3.73 10.28 3.83
N ASP A 164 -4.57 11.21 3.35
CA ASP A 164 -5.72 11.58 4.18
C ASP A 164 -6.90 10.61 4.03
N ASP A 165 -6.75 9.53 3.25
CA ASP A 165 -7.82 8.58 3.02
C ASP A 165 -7.45 7.18 3.47
N HIS A 166 -6.23 6.97 3.96
CA HIS A 166 -5.67 5.65 4.12
C HIS A 166 -6.41 4.82 5.17
N VAL A 167 -6.67 3.53 4.84
CA VAL A 167 -7.22 2.57 5.79
C VAL A 167 -6.37 1.30 5.73
N VAL A 168 -6.50 0.48 6.78
CA VAL A 168 -5.89 -0.84 6.83
C VAL A 168 -6.98 -1.88 7.10
N PHE A 169 -6.66 -3.14 6.85
CA PHE A 169 -7.62 -4.23 6.95
C PHE A 169 -7.04 -5.30 7.87
N TYR A 170 -7.76 -5.63 8.95
CA TYR A 170 -7.25 -6.51 9.99
C TYR A 170 -8.05 -7.81 10.01
N ASP A 171 -7.34 -8.93 9.85
CA ASP A 171 -7.92 -10.26 9.93
C ASP A 171 -7.57 -10.80 11.32
N VAL A 172 -8.50 -10.72 12.27
CA VAL A 172 -8.10 -11.06 13.62
C VAL A 172 -7.92 -12.56 13.77
N ARG A 173 -8.70 -13.37 13.03
CA ARG A 173 -8.54 -14.82 13.09
C ARG A 173 -7.09 -15.22 12.83
N ARG A 174 -6.46 -14.54 11.88
CA ARG A 174 -5.10 -14.84 11.45
C ARG A 174 -4.07 -13.86 12.01
N ARG A 175 -4.48 -12.94 12.88
CA ARG A 175 -3.60 -11.88 13.39
C ARG A 175 -2.79 -11.29 12.24
N ARG A 176 -3.50 -10.95 11.16
CA ARG A 176 -2.91 -10.53 9.90
C ARG A 176 -3.39 -9.13 9.59
N LEU A 177 -2.47 -8.19 9.40
CA LEU A 177 -2.80 -6.81 9.10
C LEU A 177 -2.29 -6.46 7.71
N PHE A 178 -3.20 -6.09 6.80
CA PHE A 178 -2.81 -5.45 5.54
C PHE A 178 -2.69 -3.95 5.84
N CYS A 179 -1.47 -3.46 5.98
CA CYS A 179 -1.28 -2.11 6.52
C CYS A 179 -0.95 -1.05 5.46
N GLY A 180 -0.98 -1.40 4.17
CA GLY A 180 -0.64 -0.42 3.14
C GLY A 180 0.70 0.27 3.42
N ASP A 181 0.71 1.61 3.32
CA ASP A 181 1.90 2.41 3.58
C ASP A 181 1.90 3.10 4.94
N ALA A 182 0.99 2.71 5.85
CA ALA A 182 0.82 3.44 7.10
C ALA A 182 2.00 3.28 8.04
N LEU A 183 2.80 2.24 7.89
CA LEU A 183 4.01 2.09 8.67
C LEU A 183 5.25 2.55 7.92
N GLY A 184 5.10 2.95 6.67
CA GLY A 184 6.23 3.39 5.88
C GLY A 184 6.69 2.34 4.89
N GLU A 185 7.94 2.48 4.46
CA GLU A 185 8.56 1.56 3.51
C GLU A 185 9.54 0.67 4.27
N PHE A 186 9.35 -0.65 4.21
CA PHE A 186 10.26 -1.53 4.93
C PHE A 186 11.60 -1.60 4.21
N ASP A 187 12.68 -1.31 4.95
CA ASP A 187 14.04 -1.31 4.40
C ASP A 187 14.54 -2.74 4.37
N GLU A 188 14.67 -3.30 3.17
CA GLU A 188 15.03 -4.70 3.02
C GLU A 188 16.49 -4.99 3.35
N ALA A 189 17.37 -4.00 3.18
CA ALA A 189 18.78 -4.26 3.48
C ALA A 189 19.07 -4.15 4.98
N GLU A 190 18.34 -3.29 5.69
CA GLU A 190 18.62 -2.97 7.10
C GLU A 190 17.56 -3.47 8.07
N GLY A 191 16.39 -3.87 7.60
CA GLY A 191 15.36 -4.44 8.45
C GLY A 191 14.61 -3.46 9.34
N VAL A 192 14.52 -2.19 8.94
CA VAL A 192 13.81 -1.16 9.69
C VAL A 192 12.82 -0.46 8.77
N TRP A 193 11.89 0.27 9.39
CA TRP A 193 10.91 1.04 8.65
C TRP A 193 11.44 2.41 8.29
N ARG A 194 11.21 2.82 7.03
CA ARG A 194 11.47 4.18 6.60
C ARG A 194 10.14 4.93 6.56
N PRO A 195 9.99 6.05 7.26
CA PRO A 195 8.68 6.71 7.32
C PRO A 195 8.23 7.23 5.96
N LEU A 196 6.90 7.22 5.74
CA LEU A 196 6.27 7.77 4.53
C LEU A 196 5.14 8.70 4.99
N VAL A 197 5.50 9.90 5.42
CA VAL A 197 4.55 10.85 6.00
C VAL A 197 4.28 11.90 4.92
N PHE A 198 3.24 11.67 4.11
CA PHE A 198 2.97 12.56 2.99
C PHE A 198 1.69 13.36 3.17
N ASP A 199 1.05 13.29 4.33
CA ASP A 199 -0.10 14.17 4.52
C ASP A 199 -0.09 14.86 5.88
N ASP A 200 0.04 14.10 6.97
CA ASP A 200 -0.15 14.69 8.30
C ASP A 200 0.64 13.87 9.31
N MET A 201 1.63 14.48 9.96
CA MET A 201 2.49 13.74 10.89
C MET A 201 1.73 13.29 12.13
N GLU A 202 0.92 14.19 12.70
CA GLU A 202 0.14 13.87 13.90
C GLU A 202 -0.80 12.70 13.64
N ALA A 203 -1.48 12.70 12.50
CA ALA A 203 -2.36 11.59 12.16
C ALA A 203 -1.58 10.31 11.95
N TYR A 204 -0.42 10.39 11.30
CA TYR A 204 0.42 9.21 11.05
C TYR A 204 0.85 8.56 12.36
N LEU A 205 1.30 9.37 13.32
CA LEU A 205 1.73 8.84 14.61
C LEU A 205 0.54 8.29 15.39
N GLU A 206 -0.58 9.01 15.38
CA GLU A 206 -1.77 8.56 16.11
C GLU A 206 -2.32 7.25 15.54
N SER A 207 -2.26 7.08 14.22
CA SER A 207 -2.68 5.83 13.63
C SER A 207 -1.80 4.67 14.11
N LEU A 208 -0.48 4.91 14.19
CA LEU A 208 0.42 3.85 14.63
C LEU A 208 0.20 3.49 16.10
N GLU A 209 -0.08 4.49 16.94
CA GLU A 209 -0.47 4.24 18.32
C GLU A 209 -1.70 3.35 18.39
N ARG A 210 -2.70 3.62 17.56
CA ARG A 210 -3.90 2.79 17.59
C ARG A 210 -3.58 1.37 17.12
N LEU A 211 -2.74 1.25 16.10
CA LEU A 211 -2.48 -0.08 15.52
C LEU A 211 -1.68 -0.96 16.47
N GLN A 212 -0.80 -0.36 17.29
CA GLN A 212 -0.14 -1.09 18.37
C GLN A 212 -1.12 -1.69 19.37
N ARG A 213 -2.32 -1.15 19.49
CA ARG A 213 -3.23 -1.74 20.47
C ARG A 213 -3.96 -2.98 19.95
N LEU A 214 -3.85 -3.29 18.66
CA LEU A 214 -4.39 -4.54 18.13
C LEU A 214 -3.80 -5.74 18.87
N PRO A 215 -4.55 -6.85 18.96
CA PRO A 215 -3.94 -8.09 19.44
C PRO A 215 -2.69 -8.43 18.63
N THR A 216 -1.70 -8.97 19.31
CA THR A 216 -0.37 -9.21 18.72
C THR A 216 -0.46 -9.75 17.30
N LEU A 217 0.24 -9.10 16.38
CA LEU A 217 0.22 -9.53 14.99
C LEU A 217 1.09 -10.76 14.77
N LEU A 218 0.63 -11.67 13.91
CA LEU A 218 1.47 -12.73 13.38
C LEU A 218 1.97 -12.46 11.97
N GLN A 219 1.21 -11.72 11.16
CA GLN A 219 1.57 -11.45 9.77
C GLN A 219 1.27 -9.99 9.51
N LEU A 220 2.24 -9.27 8.97
CA LEU A 220 2.12 -7.84 8.70
C LEU A 220 2.45 -7.63 7.23
N ILE A 221 1.49 -7.11 6.47
CA ILE A 221 1.60 -7.09 5.01
C ILE A 221 1.47 -5.65 4.53
N PRO A 222 2.57 -4.93 4.31
CA PRO A 222 2.49 -3.55 3.86
C PRO A 222 2.21 -3.49 2.36
N GLY A 223 2.16 -2.26 1.84
CA GLY A 223 1.90 -2.05 0.43
C GLY A 223 3.03 -2.50 -0.48
N HIS A 224 4.22 -2.71 0.07
CA HIS A 224 5.38 -3.00 -0.76
C HIS A 224 6.27 -3.98 -0.02
N GLY A 225 6.76 -5.00 -0.74
CA GLY A 225 7.89 -5.77 -0.24
C GLY A 225 7.58 -7.14 0.32
N GLY A 226 6.30 -7.54 0.41
CA GLY A 226 6.00 -8.90 0.81
C GLY A 226 5.34 -8.99 2.18
N LEU A 227 5.49 -10.15 2.82
CA LEU A 227 4.84 -10.46 4.10
C LEU A 227 5.90 -10.54 5.20
N LEU A 228 5.67 -9.84 6.32
CA LEU A 228 6.57 -9.89 7.46
C LEU A 228 5.93 -10.74 8.56
N ARG A 229 6.75 -11.52 9.27
CA ARG A 229 6.24 -12.39 10.32
C ARG A 229 7.20 -12.35 11.51
N GLY A 230 6.96 -13.23 12.49
CA GLY A 230 7.82 -13.26 13.66
C GLY A 230 7.83 -11.91 14.35
N ARG A 231 9.00 -11.53 14.88
CA ARG A 231 9.07 -10.25 15.62
C ARG A 231 8.75 -9.06 14.73
N LEU A 232 9.01 -9.15 13.43
CA LEU A 232 8.75 -8.01 12.54
C LEU A 232 7.27 -7.66 12.51
N ALA A 233 6.40 -8.67 12.53
CA ALA A 233 4.97 -8.40 12.61
C ALA A 233 4.60 -7.90 13.99
N ALA A 234 5.06 -8.60 15.04
CA ALA A 234 4.63 -8.27 16.40
C ALA A 234 5.04 -6.85 16.78
N ASP A 235 6.23 -6.42 16.34
CA ASP A 235 6.80 -5.12 16.74
C ASP A 235 6.64 -4.04 15.67
N GLY A 236 5.98 -4.35 14.54
CA GLY A 236 6.01 -3.46 13.40
C GLY A 236 5.46 -2.06 13.67
N ALA A 237 4.23 -1.97 14.19
CA ALA A 237 3.61 -0.67 14.41
C ALA A 237 4.44 0.18 15.38
N GLU A 238 4.93 -0.43 16.45
CA GLU A 238 5.77 0.30 17.40
C GLU A 238 7.08 0.73 16.75
N SER A 239 7.71 -0.17 15.99
CA SER A 239 8.97 0.16 15.32
C SER A 239 8.78 1.28 14.31
N ALA A 240 7.68 1.26 13.56
CA ALA A 240 7.38 2.33 12.61
C ALA A 240 7.23 3.66 13.32
N TYR A 241 6.56 3.67 14.47
CA TYR A 241 6.42 4.88 15.26
C TYR A 241 7.79 5.39 15.70
N THR A 242 8.62 4.49 16.23
CA THR A 242 9.97 4.84 16.66
C THR A 242 10.79 5.42 15.52
N GLU A 243 10.71 4.83 14.32
CA GLU A 243 11.50 5.35 13.20
C GLU A 243 10.99 6.70 12.73
N CYS A 244 9.71 7.00 12.90
CA CYS A 244 9.24 8.32 12.52
C CYS A 244 9.77 9.38 13.46
N LEU A 245 9.82 9.09 14.75
CA LEU A 245 10.39 10.05 15.70
C LEU A 245 11.88 10.23 15.45
N ARG A 246 12.55 9.16 15.07
CA ARG A 246 13.98 9.24 14.79
C ARG A 246 14.25 10.21 13.66
N LEU A 247 13.41 10.16 12.60
CA LEU A 247 13.56 11.08 11.49
C LEU A 247 13.24 12.51 11.91
N CYS A 248 12.24 12.68 12.77
CA CYS A 248 11.94 14.02 13.32
C CYS A 248 13.13 14.60 14.05
N ARG A 249 13.74 13.81 14.94
CA ARG A 249 14.91 14.30 15.67
C ARG A 249 16.04 14.64 14.72
N ARG A 250 16.27 13.78 13.73
CA ARG A 250 17.29 14.03 12.73
C ARG A 250 17.01 15.33 11.99
N LEU A 251 15.76 15.52 11.56
CA LEU A 251 15.40 16.77 10.91
C LEU A 251 15.66 17.95 11.82
N LEU A 252 15.21 17.85 13.08
CA LEU A 252 15.40 18.94 14.03
C LEU A 252 16.88 19.20 14.30
N TRP A 253 17.69 18.13 14.30
CA TRP A 253 19.13 18.30 14.51
C TRP A 253 19.76 19.11 13.38
N ARG A 254 19.48 18.72 12.14
CA ARG A 254 20.12 19.38 11.01
C ARG A 254 19.61 20.81 10.82
N GLN A 255 18.31 21.03 10.98
CA GLN A 255 17.79 22.39 10.91
C GLN A 255 18.46 23.28 11.95
N SER A 256 18.69 22.74 13.15
CA SER A 256 19.37 23.50 14.21
C SER A 256 20.81 23.82 13.84
N MET A 257 21.36 23.20 12.81
CA MET A 257 22.64 23.59 12.26
C MET A 257 22.49 24.43 11.00
N GLY A 258 21.36 25.14 10.88
CA GLY A 258 21.16 26.04 9.75
C GLY A 258 21.03 25.37 8.41
N GLU A 259 20.73 24.07 8.38
CA GLU A 259 20.58 23.36 7.12
C GLU A 259 19.19 23.60 6.51
N SER A 260 19.16 23.70 5.19
CA SER A 260 17.89 23.75 4.49
C SER A 260 17.29 22.35 4.43
N LEU A 261 15.98 22.29 4.18
CA LEU A 261 15.35 21.00 3.98
C LEU A 261 15.94 20.23 2.81
N ASP A 262 16.54 20.91 1.84
CA ASP A 262 17.04 20.22 0.66
C ASP A 262 18.22 19.30 1.00
N GLU A 263 18.97 19.61 2.05
CA GLU A 263 20.12 18.78 2.41
C GLU A 263 19.67 17.40 2.88
N LEU A 264 18.83 17.35 3.93
CA LEU A 264 18.34 16.06 4.37
C LEU A 264 17.51 15.39 3.28
N SER A 265 16.81 16.18 2.46
CA SER A 265 16.10 15.63 1.31
C SER A 265 17.04 14.80 0.43
N GLU A 266 18.16 15.41 0.03
CA GLU A 266 19.11 14.73 -0.85
C GLU A 266 19.70 13.50 -0.16
N GLU A 267 20.07 13.63 1.12
CA GLU A 267 20.58 12.48 1.85
C GLU A 267 19.56 11.34 1.89
N LEU A 268 18.29 11.66 2.21
CA LEU A 268 17.26 10.62 2.26
C LEU A 268 17.03 9.99 0.90
N HIS A 269 17.00 10.81 -0.16
CA HIS A 269 16.88 10.27 -1.50
C HIS A 269 18.06 9.35 -1.80
N ARG A 270 19.27 9.80 -1.47
CA ARG A 270 20.47 8.99 -1.62
CA ARG A 270 20.47 8.98 -1.64
C ARG A 270 20.32 7.64 -0.91
N ALA A 271 20.00 7.68 0.38
CA ALA A 271 19.97 6.45 1.18
C ALA A 271 18.77 5.56 0.89
N TRP A 272 17.64 6.13 0.46
CA TRP A 272 16.39 5.36 0.42
C TRP A 272 15.78 5.18 -0.96
N GLY A 273 16.14 5.99 -1.96
CA GLY A 273 15.44 5.97 -3.24
C GLY A 273 15.67 4.74 -4.09
N GLY A 274 16.74 3.98 -3.81
CA GLY A 274 17.03 2.81 -4.63
C GLY A 274 15.94 1.75 -4.61
N GLN A 275 15.23 1.61 -3.48
CA GLN A 275 14.28 0.49 -3.37
C GLN A 275 13.11 0.64 -4.32
N SER A 276 12.58 1.86 -4.48
CA SER A 276 11.35 2.07 -5.24
C SER A 276 11.59 2.60 -6.65
N VAL A 277 12.83 2.61 -7.13
CA VAL A 277 13.11 3.26 -8.39
C VAL A 277 12.38 2.61 -9.56
N ASP A 278 12.00 1.33 -9.44
CA ASP A 278 11.37 0.66 -10.57
C ASP A 278 9.87 0.92 -10.65
N PHE A 279 9.24 1.42 -9.58
CA PHE A 279 7.84 1.82 -9.65
C PHE A 279 7.58 3.27 -9.25
N LEU A 280 8.60 4.00 -8.81
CA LEU A 280 8.43 5.42 -8.49
C LEU A 280 9.19 6.26 -9.50
N PRO A 281 8.50 6.94 -10.42
CA PRO A 281 9.19 7.56 -11.56
C PRO A 281 10.07 8.73 -11.14
N GLY A 282 11.31 8.70 -11.64
CA GLY A 282 12.26 9.80 -11.58
C GLY A 282 12.31 10.68 -10.35
N GLU A 283 11.94 11.94 -10.53
N GLU A 283 11.96 11.96 -10.52
CA GLU A 283 12.06 12.97 -9.49
CA GLU A 283 12.10 12.96 -9.46
C GLU A 283 11.11 12.77 -8.32
C GLU A 283 11.08 12.80 -8.35
N LEU A 284 10.13 11.87 -8.45
CA LEU A 284 9.07 11.77 -7.44
C LEU A 284 9.63 11.40 -6.07
N HIS A 285 10.62 10.52 -6.01
CA HIS A 285 11.10 10.09 -4.70
C HIS A 285 11.77 11.23 -3.96
N LEU A 286 12.67 11.95 -4.63
CA LEU A 286 13.27 13.14 -4.02
C LEU A 286 12.20 14.15 -3.62
N GLY A 287 11.29 14.46 -4.55
CA GLY A 287 10.20 15.36 -4.21
C GLY A 287 9.37 14.86 -3.04
N SER A 288 9.11 13.56 -2.99
CA SER A 288 8.37 13.00 -1.86
C SER A 288 9.13 13.19 -0.55
N MET A 289 10.44 12.97 -0.57
CA MET A 289 11.21 13.17 0.65
C MET A 289 11.11 14.63 1.09
N ARG A 290 11.17 15.55 0.12
CA ARG A 290 11.03 16.97 0.42
C ARG A 290 9.67 17.29 1.01
N ARG A 291 8.61 16.69 0.46
CA ARG A 291 7.26 16.94 0.98
C ARG A 291 7.15 16.42 2.40
N MET A 292 7.71 15.24 2.67
CA MET A 292 7.66 14.68 4.02
C MET A 292 8.39 15.56 5.02
N LEU A 293 9.59 16.03 4.67
CA LEU A 293 10.36 16.88 5.58
C LEU A 293 9.66 18.21 5.80
N GLU A 294 9.02 18.76 4.77
CA GLU A 294 8.20 19.96 4.96
C GLU A 294 7.10 19.70 5.98
N ILE A 295 6.42 18.56 5.86
CA ILE A 295 5.35 18.22 6.79
C ILE A 295 5.89 18.07 8.21
N LEU A 296 7.00 17.32 8.36
CA LEU A 296 7.58 17.14 9.70
C LEU A 296 8.06 18.47 10.27
N SER A 297 8.65 19.32 9.43
CA SER A 297 9.19 20.59 9.91
C SER A 297 8.08 21.50 10.39
N ARG A 298 6.96 21.52 9.67
CA ARG A 298 5.84 22.38 10.07
C ARG A 298 5.26 21.94 11.42
N GLN A 299 5.00 20.64 11.59
CA GLN A 299 4.37 20.13 12.80
C GLN A 299 5.39 19.82 13.87
N ALA A 300 6.47 20.59 13.90
CA ALA A 300 7.51 20.45 14.92
C ALA A 300 8.46 21.64 14.84
#